data_5XHH
#
_entry.id   5XHH
#
_cell.length_a   80.603
_cell.length_b   82.771
_cell.length_c   142.825
_cell.angle_alpha   90.00
_cell.angle_beta   90.00
_cell.angle_gamma   90.00
#
_symmetry.space_group_name_H-M   'C 2 2 21'
#
loop_
_entity.id
_entity.type
_entity.pdbx_description
1 polymer 'Hcp1 family type VI secretion system effector'
2 water water
#
_entity_poly.entity_id   1
_entity_poly.type   'polypeptide(L)'
_entity_poly.pdbx_seq_one_letter_code
;MAYDIFLKIDGIDGESMDDKHKNEIEVLSWRWNIHQESTMHAGSGLGSGKVSVTNLDFDHYIDRASPNLFKYCASGKHIP
QAILVMRKAGGNPLEYLKYTFTDLIVAVVSPSGSHDGEIASRETVELSFSTVKQEYVVQNQQGGSGGTITAGYDFKANKE
I
;
_entity_poly.pdbx_strand_id   A,B,C
#
# COMPACT_ATOMS: atom_id res chain seq x y z
N MET A 1 -15.77 3.28 14.15
CA MET A 1 -16.20 4.64 14.39
C MET A 1 -16.00 5.56 13.17
N ALA A 2 -15.05 6.47 13.26
CA ALA A 2 -14.94 7.49 12.22
C ALA A 2 -14.17 7.02 10.98
N TYR A 3 -13.53 5.84 10.99
CA TYR A 3 -12.80 5.37 9.82
C TYR A 3 -13.19 3.94 9.48
N ASP A 4 -13.41 3.68 8.19
CA ASP A 4 -13.62 2.33 7.67
C ASP A 4 -12.30 1.80 7.12
N ILE A 5 -12.00 0.54 7.44
CA ILE A 5 -10.79 -0.15 7.04
C ILE A 5 -11.20 -1.51 6.49
N PHE A 6 -10.76 -1.82 5.28
CA PHE A 6 -11.09 -3.08 4.63
C PHE A 6 -9.83 -3.81 4.23
N LEU A 7 -9.84 -5.14 4.40
CA LEU A 7 -8.73 -5.98 4.01
C LEU A 7 -9.25 -7.08 3.10
N LYS A 8 -8.80 -7.06 1.85
CA LYS A 8 -9.18 -8.04 0.84
C LYS A 8 -8.03 -9.04 0.74
N ILE A 9 -8.27 -10.29 1.12
CA ILE A 9 -7.26 -11.34 1.06
C ILE A 9 -7.68 -12.37 0.02
N ASP A 10 -6.80 -12.63 -0.95
CA ASP A 10 -7.08 -13.65 -1.94
C ASP A 10 -7.39 -14.98 -1.26
N GLY A 11 -8.50 -15.59 -1.64
CA GLY A 11 -8.89 -16.86 -1.08
C GLY A 11 -9.40 -16.83 0.35
N ILE A 12 -9.41 -15.67 1.00
CA ILE A 12 -9.88 -15.58 2.39
C ILE A 12 -10.89 -14.46 2.49
N ASP A 13 -12.14 -14.77 2.14
CA ASP A 13 -13.22 -13.80 2.25
C ASP A 13 -13.51 -13.47 3.69
N GLY A 14 -13.87 -12.21 3.91
CA GLY A 14 -14.49 -11.77 5.11
C GLY A 14 -15.98 -11.65 4.96
N GLU A 15 -16.56 -10.72 5.70
CA GLU A 15 -17.98 -10.69 5.93
C GLU A 15 -18.63 -9.37 5.56
N SER A 16 -17.84 -8.38 5.15
CA SER A 16 -18.36 -7.02 5.02
C SER A 16 -19.54 -6.97 4.07
N MET A 17 -20.50 -6.12 4.40
CA MET A 17 -21.64 -5.86 3.56
C MET A 17 -21.48 -4.60 2.73
N ASP A 18 -20.40 -3.86 2.91
CA ASP A 18 -20.18 -2.64 2.15
C ASP A 18 -20.26 -2.88 0.65
N ASP A 19 -20.86 -1.92 -0.07
CA ASP A 19 -21.06 -2.09 -1.50
C ASP A 19 -19.73 -2.22 -2.24
N LYS A 20 -18.75 -1.38 -1.89
CA LYS A 20 -17.47 -1.41 -2.59
C LYS A 20 -16.54 -2.52 -2.10
N HIS A 21 -16.79 -3.08 -0.93
CA HIS A 21 -15.87 -4.02 -0.30
C HIS A 21 -16.61 -5.24 0.20
N LYS A 22 -17.58 -5.69 -0.57
CA LYS A 22 -18.39 -6.80 -0.10
C LYS A 22 -17.51 -8.04 0.07
N ASN A 23 -17.73 -8.75 1.16
CA ASN A 23 -17.02 -9.98 1.52
C ASN A 23 -15.51 -9.76 1.72
N GLU A 24 -15.11 -8.54 2.04
CA GLU A 24 -13.78 -8.29 2.56
C GLU A 24 -13.84 -8.26 4.08
N ILE A 25 -12.66 -8.25 4.70
CA ILE A 25 -12.57 -8.24 6.16
C ILE A 25 -12.62 -6.80 6.66
N GLU A 26 -13.51 -6.55 7.61
CA GLU A 26 -13.58 -5.24 8.26
C GLU A 26 -12.55 -5.22 9.39
N VAL A 27 -11.63 -4.26 9.32
CA VAL A 27 -10.47 -4.25 10.19
C VAL A 27 -10.68 -3.22 11.29
N LEU A 28 -10.41 -3.63 12.53
CA LEU A 28 -10.49 -2.72 13.66
C LEU A 28 -9.25 -1.84 13.77
N SER A 29 -8.05 -2.39 13.53
CA SER A 29 -6.81 -1.64 13.59
C SER A 29 -5.71 -2.47 12.93
N TRP A 30 -4.59 -1.82 12.65
CA TRP A 30 -3.52 -2.45 11.87
C TRP A 30 -2.24 -1.66 12.09
N ARG A 31 -1.10 -2.32 11.88
CA ARG A 31 0.19 -1.65 11.93
C ARG A 31 1.25 -2.52 11.26
N TRP A 32 2.29 -1.85 10.79
CA TRP A 32 3.50 -2.47 10.24
C TRP A 32 4.57 -1.38 10.18
N ASN A 33 5.83 -1.79 10.02
CA ASN A 33 6.86 -0.78 9.84
C ASN A 33 8.00 -1.32 9.00
N ILE A 34 8.72 -0.38 8.38
CA ILE A 34 9.98 -0.63 7.71
C ILE A 34 11.06 0.00 8.57
N HIS A 35 12.25 -0.60 8.58
CA HIS A 35 13.28 -0.15 9.49
C HIS A 35 14.65 -0.68 9.07
N GLN A 36 15.68 -0.05 9.63
CA GLN A 36 17.06 -0.44 9.34
C GLN A 36 17.34 -1.85 9.85
N GLU A 37 17.98 -2.69 9.08
CA GLU A 37 18.23 -4.02 9.61
C GLU A 37 19.49 -4.06 10.45
N SER A 38 19.39 -3.78 11.74
CA SER A 38 20.58 -3.79 12.58
C SER A 38 20.73 -4.92 13.61
N THR A 39 19.78 -5.82 13.61
CA THR A 39 19.75 -6.96 14.50
C THR A 39 20.70 -8.13 14.26
N MET A 40 20.84 -8.45 12.99
CA MET A 40 21.58 -9.59 12.46
C MET A 40 22.96 -9.15 11.99
N HIS A 41 23.96 -10.03 12.19
CA HIS A 41 25.29 -9.74 11.68
C HIS A 41 25.30 -9.81 10.16
N ALA A 42 26.37 -9.27 9.57
CA ALA A 42 26.36 -8.98 8.14
C ALA A 42 26.44 -10.25 7.29
N GLY A 43 27.00 -11.33 7.82
CA GLY A 43 26.99 -12.55 7.02
C GLY A 43 25.75 -13.39 7.12
N SER A 44 24.76 -12.95 7.90
CA SER A 44 23.63 -13.80 8.25
C SER A 44 22.68 -13.97 7.07
N GLY A 45 22.00 -15.11 7.06
CA GLY A 45 21.09 -15.51 5.99
C GLY A 45 20.26 -14.51 5.20
N LEU A 46 19.18 -14.01 5.78
CA LEU A 46 18.99 -13.96 7.22
C LEU A 46 17.99 -14.98 7.72
N LYS A 50 20.97 -2.27 3.80
CA LYS A 50 19.84 -3.20 3.72
C LYS A 50 18.76 -2.82 4.74
N VAL A 51 17.53 -3.17 4.39
CA VAL A 51 16.36 -2.69 5.11
C VAL A 51 15.40 -3.86 5.24
N SER A 52 14.52 -3.81 6.25
CA SER A 52 13.58 -4.91 6.43
C SER A 52 12.26 -4.41 6.99
N VAL A 53 11.26 -5.29 6.92
CA VAL A 53 9.89 -4.94 7.21
C VAL A 53 9.34 -5.95 8.20
N THR A 54 8.41 -5.51 9.07
CA THR A 54 7.69 -6.40 9.97
C THR A 54 6.56 -7.11 9.22
N ASN A 55 5.86 -7.98 9.93
CA ASN A 55 4.57 -8.46 9.44
C ASN A 55 3.53 -7.35 9.49
N LEU A 56 2.48 -7.50 8.69
CA LEU A 56 1.26 -6.76 8.91
C LEU A 56 0.53 -7.36 10.12
N ASP A 57 0.34 -6.55 11.17
CA ASP A 57 -0.46 -6.93 12.32
C ASP A 57 -1.82 -6.25 12.19
N PHE A 58 -2.91 -7.03 12.24
CA PHE A 58 -4.23 -6.41 12.22
C PHE A 58 -5.16 -7.11 13.19
N ASP A 59 -6.22 -6.41 13.56
CA ASP A 59 -7.25 -6.90 14.49
C ASP A 59 -8.60 -6.91 13.77
N HIS A 60 -9.38 -7.96 13.98
CA HIS A 60 -10.75 -7.91 13.49
C HIS A 60 -11.64 -8.68 14.46
N TYR A 61 -12.94 -8.45 14.36
CA TYR A 61 -13.88 -9.32 15.06
C TYR A 61 -13.78 -10.72 14.48
N ILE A 62 -13.93 -11.74 15.32
CA ILE A 62 -13.92 -13.09 14.79
C ILE A 62 -15.07 -13.21 13.80
N ASP A 63 -14.77 -13.67 12.60
CA ASP A 63 -15.76 -13.56 11.53
C ASP A 63 -15.51 -14.68 10.52
N ARG A 64 -16.13 -14.55 9.34
CA ARG A 64 -16.06 -15.61 8.34
C ARG A 64 -14.63 -15.92 7.90
N ALA A 65 -13.72 -14.95 8.00
CA ALA A 65 -12.34 -15.21 7.57
C ALA A 65 -11.58 -16.06 8.58
N SER A 66 -12.02 -16.07 9.84
CA SER A 66 -11.20 -16.65 10.91
C SER A 66 -10.85 -18.12 10.68
N PRO A 67 -11.79 -19.03 10.37
CA PRO A 67 -11.37 -20.42 10.14
C PRO A 67 -10.39 -20.55 8.99
N ASN A 68 -10.50 -19.71 7.96
CA ASN A 68 -9.57 -19.82 6.85
C ASN A 68 -8.22 -19.19 7.16
N LEU A 69 -8.20 -18.09 7.93
CA LEU A 69 -6.91 -17.60 8.43
C LEU A 69 -6.20 -18.68 9.24
N PHE A 70 -6.92 -19.33 10.16
CA PHE A 70 -6.37 -20.47 10.88
C PHE A 70 -5.83 -21.54 9.93
N LYS A 71 -6.64 -21.95 8.96
CA LYS A 71 -6.25 -23.02 8.05
C LYS A 71 -4.99 -22.67 7.26
N TYR A 72 -4.93 -21.45 6.69
CA TYR A 72 -3.72 -21.02 5.97
C TYR A 72 -2.52 -20.96 6.89
N CYS A 73 -2.72 -20.56 8.15
CA CYS A 73 -1.61 -20.48 9.08
C CYS A 73 -1.03 -21.86 9.35
N ALA A 74 -1.91 -22.83 9.62
CA ALA A 74 -1.44 -24.18 9.89
C ALA A 74 -0.79 -24.81 8.65
N SER A 75 -1.31 -24.52 7.46
CA SER A 75 -0.73 -25.12 6.27
C SER A 75 0.42 -24.32 5.66
N GLY A 76 0.54 -23.03 5.93
CA GLY A 76 1.55 -22.22 5.27
C GLY A 76 1.28 -21.88 3.83
N LYS A 77 0.04 -22.02 3.37
CA LYS A 77 -0.29 -21.76 1.98
C LYS A 77 -0.03 -20.30 1.62
N HIS A 78 0.52 -20.10 0.43
CA HIS A 78 0.92 -18.78 -0.07
C HIS A 78 -0.32 -18.01 -0.52
N ILE A 79 -0.34 -16.72 -0.21
CA ILE A 79 -1.41 -15.80 -0.61
C ILE A 79 -0.83 -14.87 -1.67
N PRO A 80 -1.35 -14.87 -2.91
CA PRO A 80 -0.79 -13.96 -3.93
C PRO A 80 -0.84 -12.49 -3.54
N GLN A 81 -1.99 -11.96 -3.15
CA GLN A 81 -2.02 -10.55 -2.77
C GLN A 81 -3.10 -10.28 -1.72
N ALA A 82 -2.98 -9.11 -1.09
CA ALA A 82 -3.95 -8.60 -0.14
C ALA A 82 -3.98 -7.09 -0.27
N ILE A 83 -5.15 -6.48 -0.13
CA ILE A 83 -5.30 -5.05 -0.33
C ILE A 83 -5.94 -4.47 0.91
N LEU A 84 -5.26 -3.52 1.54
CA LEU A 84 -5.75 -2.85 2.73
C LEU A 84 -6.12 -1.43 2.33
N VAL A 85 -7.36 -1.05 2.60
CA VAL A 85 -7.88 0.25 2.22
C VAL A 85 -8.45 0.94 3.46
N MET A 86 -8.15 2.24 3.61
CA MET A 86 -8.67 3.04 4.70
C MET A 86 -9.30 4.30 4.14
N ARG A 87 -10.50 4.61 4.66
CA ARG A 87 -11.24 5.80 4.26
C ARG A 87 -11.95 6.41 5.46
N LYS A 88 -12.20 7.72 5.35
CA LYS A 88 -13.02 8.44 6.31
C LYS A 88 -14.46 7.99 6.18
N ALA A 89 -15.10 7.72 7.31
CA ALA A 89 -16.47 7.21 7.29
C ALA A 89 -17.49 8.33 7.13
N ASN A 92 -18.19 11.65 2.95
CA ASN A 92 -17.15 11.50 1.95
C ASN A 92 -16.46 10.17 2.08
N PRO A 93 -16.64 9.29 1.09
CA PRO A 93 -16.11 7.93 1.16
C PRO A 93 -14.75 7.70 0.51
N LEU A 94 -14.09 8.74 -0.02
CA LEU A 94 -12.87 8.51 -0.79
C LEU A 94 -11.84 7.76 0.05
N GLU A 95 -11.44 6.61 -0.48
CA GLU A 95 -10.41 5.78 0.13
C GLU A 95 -9.08 6.46 -0.12
N TYR A 96 -8.71 7.33 0.82
CA TYR A 96 -7.49 8.07 0.64
C TYR A 96 -6.26 7.19 0.79
N LEU A 97 -6.35 6.01 1.43
CA LEU A 97 -5.11 5.26 1.68
C LEU A 97 -5.24 3.80 1.27
N LYS A 98 -4.23 3.28 0.56
CA LYS A 98 -4.26 1.89 0.10
C LYS A 98 -2.87 1.25 0.17
N TYR A 99 -2.79 0.05 0.76
CA TYR A 99 -1.57 -0.77 0.68
C TYR A 99 -1.91 -2.05 -0.08
N THR A 100 -1.09 -2.38 -1.06
CA THR A 100 -1.20 -3.62 -1.82
C THR A 100 0.01 -4.46 -1.47
N PHE A 101 -0.22 -5.57 -0.79
CA PHE A 101 0.83 -6.50 -0.39
C PHE A 101 0.78 -7.70 -1.32
N THR A 102 1.95 -8.30 -1.56
CA THR A 102 1.97 -9.54 -2.33
C THR A 102 2.80 -10.60 -1.62
N ASP A 103 2.52 -11.86 -1.97
CA ASP A 103 3.29 -13.01 -1.51
C ASP A 103 3.31 -13.07 0.01
N LEU A 104 2.14 -13.38 0.56
CA LEU A 104 1.91 -13.35 1.98
C LEU A 104 1.76 -14.76 2.54
N ILE A 105 2.13 -14.91 3.81
CA ILE A 105 1.86 -16.08 4.61
C ILE A 105 1.18 -15.63 5.90
N VAL A 106 0.21 -16.42 6.38
CA VAL A 106 -0.41 -16.14 7.67
C VAL A 106 0.53 -16.65 8.76
N ALA A 107 1.13 -15.74 9.52
CA ALA A 107 2.14 -16.16 10.48
C ALA A 107 1.58 -16.37 11.88
N VAL A 108 0.55 -15.61 12.25
CA VAL A 108 -0.02 -15.68 13.60
C VAL A 108 -1.53 -15.50 13.52
N VAL A 109 -2.29 -16.36 14.23
CA VAL A 109 -3.71 -16.16 14.43
C VAL A 109 -4.01 -16.31 15.91
N SER A 110 -4.63 -15.29 16.50
CA SER A 110 -4.69 -15.12 17.95
C SER A 110 -6.08 -14.68 18.36
N PRO A 111 -7.03 -15.62 18.44
CA PRO A 111 -8.39 -15.26 18.84
C PRO A 111 -8.53 -15.10 20.35
N SER A 112 -9.53 -14.32 20.74
CA SER A 112 -9.81 -14.14 22.15
C SER A 112 -11.25 -13.64 22.30
N GLY A 113 -11.76 -13.77 23.53
CA GLY A 113 -13.13 -13.41 23.82
C GLY A 113 -13.32 -12.96 25.24
N SER A 114 -14.41 -12.23 25.47
CA SER A 114 -14.75 -11.74 26.79
C SER A 114 -16.26 -11.59 26.89
N HIS A 115 -16.80 -11.87 28.07
CA HIS A 115 -18.21 -11.60 28.34
C HIS A 115 -18.51 -10.12 28.17
N ASP A 116 -17.52 -9.25 28.38
CA ASP A 116 -17.67 -7.81 28.23
C ASP A 116 -17.93 -7.41 26.78
N GLY A 117 -18.80 -6.41 26.60
CA GLY A 117 -19.18 -5.91 25.29
C GLY A 117 -18.06 -5.41 24.41
N GLU A 118 -17.28 -4.43 24.88
CA GLU A 118 -16.03 -4.18 24.19
C GLU A 118 -15.08 -5.35 24.49
N ILE A 119 -14.10 -5.54 23.60
CA ILE A 119 -13.38 -6.81 23.41
C ILE A 119 -14.26 -7.72 22.57
N ALA A 120 -15.38 -8.19 23.13
CA ALA A 120 -16.33 -9.08 22.43
C ALA A 120 -15.58 -10.36 22.04
N SER A 121 -15.65 -10.80 20.78
CA SER A 121 -14.85 -11.90 20.26
C SER A 121 -14.06 -11.33 19.10
N ARG A 122 -12.74 -11.21 19.30
CA ARG A 122 -11.85 -10.60 18.31
C ARG A 122 -10.61 -11.46 18.13
N GLU A 123 -9.71 -11.00 17.26
CA GLU A 123 -8.67 -11.88 16.75
C GLU A 123 -7.57 -11.03 16.15
N THR A 124 -6.37 -11.16 16.71
CA THR A 124 -5.18 -10.54 16.13
C THR A 124 -4.55 -11.50 15.13
N VAL A 125 -4.08 -10.95 14.01
CA VAL A 125 -3.56 -11.73 12.90
C VAL A 125 -2.27 -11.06 12.44
N GLU A 126 -1.26 -11.86 12.15
CA GLU A 126 -0.06 -11.38 11.51
C GLU A 126 0.10 -12.09 10.18
N LEU A 127 0.35 -11.29 9.14
CA LEU A 127 0.62 -11.76 7.78
C LEU A 127 2.00 -11.26 7.39
N SER A 128 2.89 -12.18 7.03
CA SER A 128 4.15 -11.73 6.46
C SER A 128 3.93 -11.42 4.99
N PHE A 129 4.69 -10.46 4.47
CA PHE A 129 4.60 -10.10 3.07
C PHE A 129 6.00 -9.79 2.56
N SER A 130 6.25 -10.08 1.29
CA SER A 130 7.54 -9.74 0.75
C SER A 130 7.54 -8.43 -0.02
N THR A 131 6.39 -7.93 -0.48
CA THR A 131 6.37 -6.63 -1.16
C THR A 131 5.15 -5.84 -0.73
N VAL A 132 5.31 -4.51 -0.69
CA VAL A 132 4.21 -3.62 -0.36
C VAL A 132 4.27 -2.40 -1.26
N LYS A 133 3.11 -1.93 -1.68
CA LYS A 133 3.01 -0.71 -2.47
C LYS A 133 1.90 0.13 -1.89
N GLN A 134 2.20 1.36 -1.53
CA GLN A 134 1.19 2.23 -0.96
C GLN A 134 0.83 3.33 -1.95
N GLU A 135 -0.45 3.68 -1.95
CA GLU A 135 -1.04 4.76 -2.73
C GLU A 135 -1.81 5.66 -1.78
N TYR A 136 -1.51 6.95 -1.83
CA TYR A 136 -2.19 7.98 -1.07
C TYR A 136 -2.84 8.94 -2.05
N VAL A 137 -4.09 9.32 -1.80
CA VAL A 137 -4.81 10.25 -2.66
C VAL A 137 -5.02 11.58 -1.91
N VAL A 138 -4.29 12.61 -2.31
CA VAL A 138 -4.49 13.92 -1.71
C VAL A 138 -5.81 14.50 -2.19
N GLN A 139 -6.51 15.21 -1.30
CA GLN A 139 -7.85 15.73 -1.58
C GLN A 139 -7.94 17.26 -1.66
N GLY A 146 -7.75 14.74 -6.77
CA GLY A 146 -6.58 15.37 -6.18
C GLY A 146 -5.22 14.92 -6.71
N GLY A 147 -5.09 13.63 -7.02
CA GLY A 147 -3.83 13.09 -7.48
C GLY A 147 -3.27 12.08 -6.50
N THR A 148 -2.50 11.09 -6.96
CA THR A 148 -2.04 10.00 -6.10
C THR A 148 -0.52 9.94 -6.04
N ILE A 149 0.01 9.87 -4.82
CA ILE A 149 1.41 9.60 -4.55
C ILE A 149 1.54 8.10 -4.28
N THR A 150 2.53 7.46 -4.89
CA THR A 150 2.68 6.02 -4.77
C THR A 150 4.14 5.67 -4.56
N ALA A 151 4.38 4.61 -3.81
CA ALA A 151 5.73 4.11 -3.64
C ALA A 151 5.63 2.66 -3.17
N GLY A 152 6.55 1.84 -3.62
CA GLY A 152 6.49 0.43 -3.27
C GLY A 152 7.87 -0.16 -3.28
N TYR A 153 8.00 -1.30 -2.59
CA TYR A 153 9.28 -1.97 -2.52
C TYR A 153 9.07 -3.47 -2.36
N ASP A 154 9.98 -4.21 -2.97
CA ASP A 154 10.06 -5.67 -2.94
C ASP A 154 11.23 -6.03 -2.04
N PHE A 155 10.95 -6.62 -0.88
CA PHE A 155 12.01 -6.94 0.05
C PHE A 155 12.68 -8.27 -0.23
N LYS A 156 12.12 -9.09 -1.12
CA LYS A 156 12.80 -10.32 -1.51
C LYS A 156 13.89 -10.02 -2.54
N ALA A 157 13.54 -9.26 -3.57
CA ALA A 157 14.50 -8.82 -4.56
C ALA A 157 15.31 -7.61 -4.12
N ASN A 158 14.87 -6.90 -3.09
CA ASN A 158 15.49 -5.64 -2.65
C ASN A 158 15.52 -4.63 -3.79
N LYS A 159 14.31 -4.19 -4.16
CA LYS A 159 14.11 -3.37 -5.34
C LYS A 159 12.80 -2.60 -5.20
N GLU A 160 12.79 -1.37 -5.71
CA GLU A 160 11.55 -0.62 -5.81
C GLU A 160 10.62 -1.25 -6.85
N ILE A 161 9.31 -1.10 -6.65
CA ILE A 161 8.33 -1.55 -7.63
C ILE A 161 7.30 -0.45 -7.82
N ALA B 2 7.12 -15.70 -29.03
CA ALA B 2 6.21 -16.20 -28.01
C ALA B 2 6.14 -15.28 -26.79
N TYR B 3 4.93 -15.07 -26.29
CA TYR B 3 4.67 -14.23 -25.13
C TYR B 3 3.77 -14.99 -24.17
N ASP B 4 3.98 -14.74 -22.88
CA ASP B 4 3.16 -15.27 -21.81
C ASP B 4 2.14 -14.21 -21.39
N ILE B 5 0.87 -14.60 -21.34
CA ILE B 5 -0.22 -13.73 -20.97
C ILE B 5 -1.03 -14.43 -19.89
N PHE B 6 -1.29 -13.73 -18.78
CA PHE B 6 -1.97 -14.29 -17.63
C PHE B 6 -3.16 -13.40 -17.26
N LEU B 7 -4.27 -14.03 -16.87
CA LEU B 7 -5.45 -13.30 -16.43
C LEU B 7 -5.88 -13.83 -15.06
N LYS B 8 -5.77 -12.97 -14.06
CA LYS B 8 -6.17 -13.28 -12.68
C LYS B 8 -7.55 -12.65 -12.48
N ILE B 9 -8.57 -13.49 -12.35
CA ILE B 9 -9.93 -13.02 -12.10
C ILE B 9 -10.31 -13.45 -10.69
N ASP B 10 -10.77 -12.48 -9.88
CA ASP B 10 -11.28 -12.79 -8.55
C ASP B 10 -12.35 -13.86 -8.64
N GLY B 11 -12.16 -14.95 -7.91
CA GLY B 11 -13.14 -16.01 -7.85
C GLY B 11 -13.12 -16.99 -9.00
N ILE B 12 -12.36 -16.72 -10.06
CA ILE B 12 -12.36 -17.59 -11.23
C ILE B 12 -10.92 -18.01 -11.52
N ASP B 13 -10.48 -19.10 -10.89
CA ASP B 13 -9.12 -19.60 -11.10
C ASP B 13 -8.96 -20.22 -12.48
N GLY B 14 -7.80 -19.98 -13.07
CA GLY B 14 -7.34 -20.72 -14.22
C GLY B 14 -6.45 -21.88 -13.81
N GLU B 15 -5.56 -22.28 -14.73
CA GLU B 15 -4.81 -23.51 -14.55
C GLU B 15 -3.32 -23.30 -14.71
N SER B 16 -2.84 -22.07 -14.61
CA SER B 16 -1.44 -21.82 -14.88
C SER B 16 -0.56 -22.45 -13.81
N MET B 17 0.52 -23.07 -14.24
CA MET B 17 1.52 -23.63 -13.34
C MET B 17 2.72 -22.73 -13.19
N ASP B 18 2.67 -21.55 -13.78
CA ASP B 18 3.80 -20.63 -13.68
C ASP B 18 3.99 -20.18 -12.25
N ASP B 19 5.26 -20.00 -11.85
CA ASP B 19 5.57 -19.72 -10.46
C ASP B 19 4.97 -18.40 -10.00
N LYS B 20 4.96 -17.40 -10.86
CA LYS B 20 4.45 -16.10 -10.47
C LYS B 20 2.95 -15.94 -10.70
N HIS B 21 2.30 -16.88 -11.37
CA HIS B 21 0.91 -16.69 -11.78
C HIS B 21 0.13 -17.97 -11.59
N LYS B 22 0.41 -18.68 -10.52
CA LYS B 22 -0.21 -19.98 -10.27
C LYS B 22 -1.71 -19.82 -10.18
N ASN B 23 -2.44 -20.72 -10.86
CA ASN B 23 -3.89 -20.77 -10.88
C ASN B 23 -4.53 -19.55 -11.55
N GLU B 24 -3.78 -18.81 -12.36
CA GLU B 24 -4.37 -17.80 -13.20
C GLU B 24 -4.69 -18.40 -14.58
N ILE B 25 -5.45 -17.65 -15.38
CA ILE B 25 -5.83 -18.13 -16.71
C ILE B 25 -4.70 -17.84 -17.69
N GLU B 26 -4.31 -18.84 -18.47
CA GLU B 26 -3.35 -18.63 -19.53
C GLU B 26 -4.09 -18.15 -20.78
N VAL B 27 -3.71 -16.98 -21.28
CA VAL B 27 -4.47 -16.30 -22.32
C VAL B 27 -3.78 -16.52 -23.65
N LEU B 28 -4.56 -16.88 -24.67
CA LEU B 28 -4.03 -16.96 -26.03
C LEU B 28 -3.97 -15.60 -26.71
N SER B 29 -5.00 -14.78 -26.55
CA SER B 29 -5.00 -13.45 -27.15
C SER B 29 -6.05 -12.60 -26.46
N TRP B 30 -5.99 -11.30 -26.69
CA TRP B 30 -6.87 -10.36 -26.00
C TRP B 30 -6.90 -9.06 -26.78
N ARG B 31 -7.97 -8.29 -26.59
CA ARG B 31 -8.07 -6.95 -27.16
C ARG B 31 -9.15 -6.19 -26.41
N TRP B 32 -9.02 -4.87 -26.45
CA TRP B 32 -10.02 -3.91 -25.98
C TRP B 32 -9.64 -2.55 -26.54
N ASN B 33 -10.56 -1.59 -26.49
CA ASN B 33 -10.16 -0.25 -26.91
C ASN B 33 -10.98 0.83 -26.22
N ILE B 34 -10.42 2.03 -26.18
CA ILE B 34 -11.09 3.24 -25.76
C ILE B 34 -11.26 4.12 -26.99
N HIS B 35 -12.37 4.86 -27.05
CA HIS B 35 -12.63 5.77 -28.17
C HIS B 35 -13.53 6.91 -27.72
N GLN B 36 -13.54 7.98 -28.49
CA GLN B 36 -14.35 9.17 -28.20
C GLN B 36 -15.82 8.96 -28.51
N VAL B 51 -16.00 9.80 -24.27
CA VAL B 51 -15.05 8.70 -24.10
C VAL B 51 -15.76 7.41 -23.69
N SER B 52 -15.70 6.39 -24.54
CA SER B 52 -16.30 5.10 -24.27
C SER B 52 -15.25 4.00 -24.35
N VAL B 53 -15.62 2.82 -23.84
CA VAL B 53 -14.71 1.68 -23.77
C VAL B 53 -15.47 0.43 -24.18
N THR B 54 -14.76 -0.50 -24.85
CA THR B 54 -15.32 -1.80 -25.18
C THR B 54 -15.18 -2.77 -24.00
N ASN B 55 -15.72 -3.97 -24.18
CA ASN B 55 -15.39 -5.07 -23.29
C ASN B 55 -13.95 -5.53 -23.50
N LEU B 56 -13.43 -6.24 -22.51
CA LEU B 56 -12.22 -7.01 -22.72
C LEU B 56 -12.59 -8.32 -23.40
N ASP B 57 -12.10 -8.52 -24.63
CA ASP B 57 -12.27 -9.76 -25.36
C ASP B 57 -10.99 -10.59 -25.22
N PHE B 58 -11.10 -11.82 -24.73
CA PHE B 58 -9.91 -12.66 -24.68
C PHE B 58 -10.28 -14.09 -25.09
N ASP B 59 -9.24 -14.84 -25.46
CA ASP B 59 -9.37 -16.20 -25.92
C ASP B 59 -8.53 -17.09 -25.02
N HIS B 60 -9.05 -18.27 -24.69
CA HIS B 60 -8.23 -19.23 -23.97
C HIS B 60 -8.67 -20.64 -24.32
N TYR B 61 -7.77 -21.61 -24.17
CA TYR B 61 -8.20 -22.99 -24.24
C TYR B 61 -9.17 -23.26 -23.08
N ILE B 62 -10.19 -24.08 -23.35
CA ILE B 62 -11.12 -24.45 -22.29
C ILE B 62 -10.34 -25.05 -21.14
N ASP B 63 -10.62 -24.58 -19.93
CA ASP B 63 -9.79 -24.97 -18.80
C ASP B 63 -10.64 -24.84 -17.53
N ARG B 64 -9.97 -24.83 -16.38
CA ARG B 64 -10.68 -24.86 -15.10
C ARG B 64 -11.59 -23.64 -14.91
N ALA B 65 -11.27 -22.52 -15.54
CA ALA B 65 -12.08 -21.32 -15.36
C ALA B 65 -13.39 -21.40 -16.13
N SER B 66 -13.48 -22.23 -17.16
CA SER B 66 -14.63 -22.16 -18.06
C SER B 66 -15.96 -22.36 -17.37
N PRO B 67 -16.16 -23.37 -16.52
CA PRO B 67 -17.48 -23.51 -15.87
C PRO B 67 -17.83 -22.30 -15.04
N ASN B 68 -16.85 -21.72 -14.35
CA ASN B 68 -17.11 -20.55 -13.51
C ASN B 68 -17.36 -19.30 -14.33
N LEU B 69 -16.66 -19.15 -15.46
CA LEU B 69 -16.99 -18.08 -16.40
C LEU B 69 -18.44 -18.19 -16.84
N PHE B 70 -18.87 -19.39 -17.24
CA PHE B 70 -20.27 -19.59 -17.61
C PHE B 70 -21.21 -19.27 -16.45
N LYS B 71 -20.89 -19.78 -15.26
CA LYS B 71 -21.71 -19.56 -14.06
C LYS B 71 -21.92 -18.07 -13.81
N TYR B 72 -20.84 -17.30 -13.83
CA TYR B 72 -20.91 -15.86 -13.60
C TYR B 72 -21.65 -15.17 -14.74
N CYS B 73 -21.45 -15.62 -15.97
CA CYS B 73 -22.18 -15.01 -17.10
C CYS B 73 -23.69 -15.17 -16.91
N ALA B 74 -24.12 -16.41 -16.65
CA ALA B 74 -25.54 -16.70 -16.47
C ALA B 74 -26.12 -15.96 -15.26
N SER B 75 -25.33 -15.80 -14.18
CA SER B 75 -25.87 -15.18 -12.98
C SER B 75 -25.71 -13.66 -12.93
N GLY B 76 -24.85 -13.09 -13.78
CA GLY B 76 -24.60 -11.65 -13.67
C GLY B 76 -23.79 -11.24 -12.45
N LYS B 77 -23.11 -12.20 -11.81
CA LYS B 77 -22.37 -11.93 -10.59
C LYS B 77 -21.24 -10.95 -10.83
N HIS B 78 -21.01 -10.11 -9.82
CA HIS B 78 -20.01 -9.06 -9.86
C HIS B 78 -18.62 -9.64 -9.65
N ILE B 79 -17.65 -9.10 -10.38
CA ILE B 79 -16.24 -9.45 -10.19
C ILE B 79 -15.51 -8.19 -9.70
N PRO B 80 -14.98 -8.18 -8.48
CA PRO B 80 -14.30 -6.97 -8.00
C PRO B 80 -13.10 -6.55 -8.84
N GLN B 81 -12.20 -7.49 -9.19
CA GLN B 81 -10.94 -7.13 -9.82
C GLN B 81 -10.47 -8.25 -10.76
N ALA B 82 -9.85 -7.85 -11.87
CA ALA B 82 -9.16 -8.75 -12.78
C ALA B 82 -7.86 -8.10 -13.22
N ILE B 83 -6.78 -8.87 -13.33
CA ILE B 83 -5.47 -8.36 -13.65
C ILE B 83 -4.92 -9.14 -14.84
N LEU B 84 -4.61 -8.43 -15.91
CA LEU B 84 -4.04 -8.99 -17.12
C LEU B 84 -2.57 -8.60 -17.17
N VAL B 85 -1.69 -9.59 -17.22
CA VAL B 85 -0.26 -9.36 -17.27
C VAL B 85 0.31 -10.01 -18.54
N MET B 86 1.19 -9.28 -19.23
CA MET B 86 1.87 -9.80 -20.42
C MET B 86 3.38 -9.65 -20.26
N ARG B 87 4.11 -10.68 -20.70
CA ARG B 87 5.57 -10.68 -20.69
C ARG B 87 6.08 -11.45 -21.89
N LYS B 88 7.27 -11.09 -22.37
CA LYS B 88 7.90 -11.85 -23.44
C LYS B 88 8.39 -13.19 -22.92
N ALA B 89 8.01 -14.27 -23.60
CA ALA B 89 8.27 -15.61 -23.05
C ALA B 89 9.75 -15.94 -23.04
N GLY B 90 10.52 -15.41 -23.97
CA GLY B 90 11.90 -15.80 -24.09
C GLY B 90 12.86 -14.97 -23.27
N GLY B 91 13.27 -13.85 -23.86
CA GLY B 91 14.52 -13.23 -23.43
C GLY B 91 14.52 -12.78 -21.99
N ASN B 92 13.40 -12.25 -21.52
CA ASN B 92 13.33 -11.45 -20.35
C ASN B 92 12.04 -11.83 -19.62
N PRO B 93 12.08 -12.01 -18.29
CA PRO B 93 10.86 -12.31 -17.52
C PRO B 93 10.09 -11.05 -17.14
N LEU B 94 10.56 -9.86 -17.48
CA LEU B 94 9.91 -8.65 -17.02
C LEU B 94 8.45 -8.55 -17.51
N GLU B 95 7.51 -8.56 -16.57
CA GLU B 95 6.10 -8.31 -16.87
C GLU B 95 5.95 -6.83 -17.16
N TYR B 96 6.26 -6.48 -18.41
CA TYR B 96 6.35 -5.08 -18.78
C TYR B 96 4.98 -4.44 -18.85
N LEU B 97 3.91 -5.23 -18.94
CA LEU B 97 2.59 -4.68 -19.19
C LEU B 97 1.57 -5.30 -18.26
N LYS B 98 0.79 -4.46 -17.59
CA LYS B 98 -0.24 -4.90 -16.66
C LYS B 98 -1.45 -3.99 -16.80
N TYR B 99 -2.63 -4.59 -16.91
CA TYR B 99 -3.89 -3.87 -16.78
C TYR B 99 -4.63 -4.41 -15.58
N THR B 100 -5.07 -3.52 -14.71
CA THR B 100 -5.90 -3.85 -13.56
C THR B 100 -7.29 -3.30 -13.85
N PHE B 101 -8.25 -4.21 -14.04
CA PHE B 101 -9.64 -3.88 -14.29
C PHE B 101 -10.42 -4.03 -12.99
N THR B 102 -11.43 -3.17 -12.81
CA THR B 102 -12.31 -3.37 -11.68
C THR B 102 -13.77 -3.34 -12.10
N ASP B 103 -14.58 -3.97 -11.24
CA ASP B 103 -16.04 -3.99 -11.33
C ASP B 103 -16.48 -4.56 -12.69
N LEU B 104 -16.33 -5.87 -12.78
CA LEU B 104 -16.49 -6.60 -14.04
C LEU B 104 -17.70 -7.50 -13.99
N ILE B 105 -18.19 -7.84 -15.19
CA ILE B 105 -19.26 -8.80 -15.40
C ILE B 105 -18.86 -9.64 -16.59
N VAL B 106 -19.16 -10.94 -16.56
CA VAL B 106 -18.91 -11.79 -17.70
C VAL B 106 -20.03 -11.56 -18.71
N ALA B 107 -19.70 -10.91 -19.83
CA ALA B 107 -20.73 -10.57 -20.80
C ALA B 107 -20.92 -11.64 -21.86
N VAL B 108 -19.86 -12.36 -22.23
CA VAL B 108 -19.96 -13.37 -23.30
C VAL B 108 -19.09 -14.57 -22.95
N VAL B 109 -19.65 -15.77 -23.15
CA VAL B 109 -18.87 -17.00 -23.07
C VAL B 109 -19.19 -17.84 -24.30
N SER B 110 -18.15 -18.17 -25.07
CA SER B 110 -18.31 -18.68 -26.42
C SER B 110 -17.35 -19.84 -26.66
N PRO B 111 -17.70 -21.03 -26.16
CA PRO B 111 -16.83 -22.18 -26.34
C PRO B 111 -17.02 -22.84 -27.69
N SER B 112 -15.97 -23.53 -28.14
CA SER B 112 -16.01 -24.27 -29.38
C SER B 112 -14.94 -25.35 -29.31
N GLY B 113 -15.04 -26.29 -30.24
CA GLY B 113 -14.06 -27.35 -30.30
C GLY B 113 -13.99 -27.96 -31.68
N SER B 114 -12.86 -28.62 -31.93
CA SER B 114 -12.65 -29.34 -33.17
C SER B 114 -11.81 -30.58 -32.89
N HIS B 115 -11.97 -31.58 -33.77
CA HIS B 115 -11.05 -32.71 -33.81
C HIS B 115 -9.61 -32.27 -34.14
N ASP B 116 -9.44 -31.10 -34.75
CA ASP B 116 -8.11 -30.66 -35.15
C ASP B 116 -7.36 -30.09 -33.96
N GLY B 117 -6.11 -30.53 -33.78
CA GLY B 117 -5.36 -30.17 -32.59
C GLY B 117 -4.94 -28.71 -32.54
N GLU B 118 -4.83 -28.05 -33.69
CA GLU B 118 -4.55 -26.62 -33.67
C GLU B 118 -5.73 -25.83 -33.12
N ILE B 119 -6.95 -26.27 -33.41
CA ILE B 119 -8.13 -25.60 -32.85
C ILE B 119 -8.38 -26.08 -31.43
N ALA B 120 -8.35 -27.39 -31.22
CA ALA B 120 -8.54 -28.03 -29.92
C ALA B 120 -9.88 -27.57 -29.34
N SER B 121 -9.95 -27.33 -28.03
CA SER B 121 -11.12 -26.84 -27.33
C SER B 121 -10.78 -25.47 -26.77
N ARG B 122 -11.48 -24.45 -27.25
CA ARG B 122 -11.14 -23.08 -26.90
C ARG B 122 -12.41 -22.30 -26.66
N GLU B 123 -12.24 -21.07 -26.19
CA GLU B 123 -13.36 -20.31 -25.65
C GLU B 123 -13.05 -18.83 -25.70
N THR B 124 -13.94 -18.08 -26.33
CA THR B 124 -13.82 -16.62 -26.37
C THR B 124 -14.71 -16.03 -25.29
N VAL B 125 -14.19 -15.05 -24.56
CA VAL B 125 -14.84 -14.49 -23.40
C VAL B 125 -14.82 -12.98 -23.49
N GLU B 126 -15.91 -12.33 -23.10
CA GLU B 126 -15.93 -10.89 -22.96
C GLU B 126 -16.29 -10.54 -21.52
N LEU B 127 -15.48 -9.64 -20.93
CA LEU B 127 -15.68 -9.09 -19.60
C LEU B 127 -15.90 -7.59 -19.73
N SER B 128 -17.05 -7.09 -19.28
CA SER B 128 -17.20 -5.65 -19.20
C SER B 128 -16.49 -5.13 -17.96
N PHE B 129 -16.00 -3.89 -18.01
CA PHE B 129 -15.31 -3.31 -16.86
C PHE B 129 -15.59 -1.82 -16.80
N SER B 130 -15.72 -1.29 -15.59
CA SER B 130 -15.97 0.12 -15.42
C SER B 130 -14.71 0.94 -15.21
N THR B 131 -13.61 0.34 -14.74
CA THR B 131 -12.35 1.09 -14.67
C THR B 131 -11.20 0.22 -15.14
N VAL B 132 -10.18 0.89 -15.67
CA VAL B 132 -8.95 0.21 -16.05
C VAL B 132 -7.76 1.09 -15.67
N LYS B 133 -6.72 0.46 -15.16
CA LYS B 133 -5.46 1.13 -14.89
C LYS B 133 -4.35 0.32 -15.54
N GLN B 134 -3.52 0.98 -16.32
CA GLN B 134 -2.46 0.34 -17.08
C GLN B 134 -1.10 0.78 -16.52
N GLU B 135 -0.21 -0.18 -16.35
CA GLU B 135 1.16 0.02 -15.91
C GLU B 135 2.10 -0.61 -16.93
N TYR B 136 3.05 0.17 -17.39
CA TYR B 136 4.09 -0.25 -18.32
C TYR B 136 5.43 0.00 -17.67
N VAL B 137 6.33 -0.98 -17.74
CA VAL B 137 7.67 -0.87 -17.15
C VAL B 137 8.68 -0.57 -18.23
N VAL B 138 9.55 0.42 -17.98
CA VAL B 138 10.63 0.77 -18.90
C VAL B 138 11.79 -0.24 -18.84
N GLY B 147 11.71 2.18 -13.94
CA GLY B 147 10.50 2.83 -13.46
C GLY B 147 9.28 2.46 -14.29
N THR B 148 8.11 2.88 -13.85
CA THR B 148 6.87 2.54 -14.54
C THR B 148 6.12 3.81 -14.93
N ILE B 149 5.40 3.71 -16.04
CA ILE B 149 4.43 4.71 -16.48
C ILE B 149 3.06 4.09 -16.28
N THR B 150 2.16 4.85 -15.68
CA THR B 150 0.85 4.36 -15.28
C THR B 150 -0.21 5.37 -15.69
N ALA B 151 -1.38 4.86 -16.04
CA ALA B 151 -2.48 5.75 -16.37
C ALA B 151 -3.76 4.96 -16.22
N GLY B 152 -4.77 5.55 -15.61
CA GLY B 152 -6.00 4.85 -15.35
C GLY B 152 -7.20 5.76 -15.58
N TYR B 153 -8.37 5.14 -15.69
CA TYR B 153 -9.60 5.88 -15.86
C TYR B 153 -10.77 5.09 -15.31
N ASP B 154 -11.74 5.83 -14.76
CA ASP B 154 -12.97 5.28 -14.21
C ASP B 154 -14.11 5.73 -15.12
N PHE B 155 -14.74 4.76 -15.80
CA PHE B 155 -15.70 5.12 -16.84
C PHE B 155 -17.11 5.33 -16.33
N LYS B 156 -17.40 4.93 -15.10
CA LYS B 156 -18.67 5.31 -14.47
C LYS B 156 -18.61 6.72 -13.90
N ALA B 157 -17.57 7.02 -13.13
CA ALA B 157 -17.42 8.36 -12.57
C ALA B 157 -16.82 9.34 -13.56
N ASN B 158 -16.37 8.87 -14.72
CA ASN B 158 -15.70 9.68 -15.72
C ASN B 158 -14.64 10.57 -15.08
N LYS B 159 -13.69 9.92 -14.43
CA LYS B 159 -12.55 10.59 -13.83
C LYS B 159 -11.30 9.74 -14.02
N GLU B 160 -10.16 10.39 -13.99
CA GLU B 160 -8.90 9.70 -14.01
C GLU B 160 -8.65 9.03 -12.65
N ILE B 161 -7.97 7.89 -12.67
CA ILE B 161 -7.55 7.24 -11.44
C ILE B 161 -6.12 6.77 -11.59
N MET C 1 -4.18 21.52 18.01
CA MET C 1 -4.50 22.10 19.31
C MET C 1 -3.65 23.34 19.60
N ALA C 2 -3.03 23.39 20.78
CA ALA C 2 -2.45 24.63 21.26
C ALA C 2 -1.14 25.03 20.57
N TYR C 3 -0.40 24.09 19.96
CA TYR C 3 0.85 24.41 19.28
C TYR C 3 0.84 23.87 17.86
N ASP C 4 1.36 24.66 16.92
CA ASP C 4 1.63 24.24 15.55
C ASP C 4 3.09 23.83 15.42
N ILE C 5 3.33 22.72 14.72
CA ILE C 5 4.66 22.16 14.50
C ILE C 5 4.77 21.77 13.04
N PHE C 6 5.86 22.19 12.39
CA PHE C 6 6.07 21.94 10.97
C PHE C 6 7.43 21.32 10.72
N LEU C 7 7.50 20.37 9.79
CA LEU C 7 8.75 19.76 9.38
C LEU C 7 8.90 19.92 7.88
N LYS C 8 9.96 20.57 7.46
CA LYS C 8 10.29 20.80 6.06
C LYS C 8 11.45 19.88 5.72
N ILE C 9 11.16 18.83 4.95
CA ILE C 9 12.17 17.90 4.50
C ILE C 9 12.40 18.13 3.01
N ASP C 10 13.66 18.34 2.65
CA ASP C 10 14.01 18.49 1.24
C ASP C 10 13.54 17.28 0.43
N GLY C 11 12.67 17.53 -0.55
CA GLY C 11 12.20 16.49 -1.44
C GLY C 11 11.08 15.62 -0.90
N ILE C 12 10.55 15.90 0.29
CA ILE C 12 9.47 15.11 0.88
C ILE C 12 8.42 16.10 1.39
N ASP C 13 7.53 16.53 0.50
CA ASP C 13 6.46 17.45 0.86
C ASP C 13 5.42 16.78 1.74
N GLY C 14 4.85 17.56 2.64
CA GLY C 14 3.63 17.27 3.33
C GLY C 14 2.48 18.02 2.70
N GLU C 15 1.47 18.31 3.52
CA GLU C 15 0.20 18.82 3.06
C GLU C 15 -0.23 20.13 3.69
N SER C 16 0.60 20.73 4.56
CA SER C 16 0.18 21.90 5.28
C SER C 16 -0.26 23.00 4.31
N MET C 17 -1.41 23.60 4.60
CA MET C 17 -1.86 24.78 3.87
C MET C 17 -1.43 26.07 4.53
N ASP C 18 -0.75 25.99 5.68
CA ASP C 18 -0.30 27.19 6.37
C ASP C 18 0.50 28.09 5.43
N ASP C 19 0.27 29.40 5.57
CA ASP C 19 0.89 30.34 4.63
C ASP C 19 2.40 30.31 4.73
N LYS C 20 2.91 30.15 5.94
CA LYS C 20 4.34 30.18 6.16
C LYS C 20 5.00 28.82 5.91
N HIS C 21 4.22 27.75 5.78
CA HIS C 21 4.78 26.39 5.73
C HIS C 21 4.05 25.53 4.71
N LYS C 22 3.73 26.11 3.56
CA LYS C 22 2.97 25.40 2.53
C LYS C 22 3.71 24.14 2.10
N ASN C 23 2.99 23.01 2.09
CA ASN C 23 3.48 21.72 1.66
C ASN C 23 4.55 21.13 2.58
N GLU C 24 4.63 21.61 3.81
CA GLU C 24 5.44 20.95 4.82
C GLU C 24 4.59 19.95 5.59
N ILE C 25 5.25 19.09 6.35
CA ILE C 25 4.58 18.07 7.15
C ILE C 25 4.04 18.72 8.43
N GLU C 26 2.78 18.46 8.73
CA GLU C 26 2.19 18.88 10.00
C GLU C 26 2.48 17.82 11.05
N VAL C 27 3.16 18.20 12.10
CA VAL C 27 3.71 17.24 13.06
C VAL C 27 2.82 17.20 14.29
N LEU C 28 2.54 15.99 14.77
CA LEU C 28 1.81 15.81 16.02
C LEU C 28 2.73 15.96 17.24
N SER C 29 3.88 15.27 17.24
CA SER C 29 4.81 15.30 18.35
C SER C 29 6.18 14.87 17.83
N TRP C 30 7.21 15.13 18.63
CA TRP C 30 8.59 14.94 18.20
C TRP C 30 9.48 14.85 19.44
N ARG C 31 10.63 14.19 19.29
CA ARG C 31 11.63 14.14 20.35
C ARG C 31 12.97 13.67 19.78
N TRP C 32 14.04 14.11 20.42
CA TRP C 32 15.39 13.62 20.19
C TRP C 32 16.19 13.98 21.44
N ASN C 33 17.40 13.43 21.55
CA ASN C 33 18.25 13.78 22.69
C ASN C 33 19.72 13.54 22.36
N ILE C 34 20.58 14.20 23.13
CA ILE C 34 22.01 13.97 23.11
C ILE C 34 22.41 13.50 24.50
N HIS C 35 23.27 12.49 24.56
CA HIS C 35 23.76 11.93 25.81
C HIS C 35 25.28 11.92 25.75
N GLN C 36 25.91 12.67 26.64
CA GLN C 36 27.36 12.74 26.68
C GLN C 36 27.92 11.67 27.60
N VAL C 51 29.83 10.02 22.77
CA VAL C 51 28.78 10.92 22.30
C VAL C 51 27.67 10.11 21.61
N SER C 52 26.50 10.07 22.23
CA SER C 52 25.34 9.39 21.66
C SER C 52 24.29 10.43 21.30
N VAL C 53 23.86 10.42 20.05
CA VAL C 53 22.79 11.29 19.58
C VAL C 53 21.70 10.41 18.98
N THR C 54 20.47 10.61 19.42
CA THR C 54 19.39 9.78 18.91
C THR C 54 18.91 10.28 17.55
N ASN C 55 18.08 9.47 16.91
CA ASN C 55 17.32 9.93 15.76
C ASN C 55 16.26 10.93 16.20
N LEU C 56 15.89 11.80 15.28
CA LEU C 56 14.66 12.56 15.42
C LEU C 56 13.49 11.60 15.24
N ASP C 57 12.69 11.47 16.28
CA ASP C 57 11.47 10.69 16.26
C ASP C 57 10.30 11.66 16.17
N PHE C 58 9.49 11.57 15.11
CA PHE C 58 8.28 12.37 15.06
C PHE C 58 7.08 11.55 14.63
N ASP C 59 5.90 12.09 14.92
CA ASP C 59 4.62 11.46 14.63
C ASP C 59 3.84 12.39 13.71
N HIS C 60 3.16 11.84 12.71
CA HIS C 60 2.22 12.64 11.94
C HIS C 60 1.04 11.77 11.53
N TYR C 61 -0.10 12.40 11.21
CA TYR C 61 -1.13 11.65 10.49
C TYR C 61 -0.59 11.23 9.12
N ILE C 62 -1.04 10.06 8.65
CA ILE C 62 -0.65 9.61 7.32
C ILE C 62 -1.12 10.63 6.30
N ASP C 63 -0.20 11.05 5.42
CA ASP C 63 -0.45 12.19 4.55
C ASP C 63 0.40 12.05 3.28
N ARG C 64 0.42 13.11 2.47
CA ARG C 64 1.14 13.08 1.19
C ARG C 64 2.61 12.72 1.35
N ALA C 65 3.21 13.04 2.50
CA ALA C 65 4.62 12.72 2.70
C ALA C 65 4.87 11.23 2.86
N SER C 66 3.87 10.47 3.34
CA SER C 66 4.10 9.10 3.77
C SER C 66 4.70 8.19 2.70
N PRO C 67 4.16 8.15 1.46
CA PRO C 67 4.81 7.29 0.45
C PRO C 67 6.26 7.66 0.22
N ASN C 68 6.61 8.94 0.31
CA ASN C 68 7.98 9.34 0.06
C ASN C 68 8.89 9.07 1.24
N LEU C 69 8.38 9.22 2.46
CA LEU C 69 9.12 8.76 3.63
C LEU C 69 9.48 7.28 3.48
N PHE C 70 8.50 6.46 3.07
CA PHE C 70 8.76 5.05 2.82
C PHE C 70 9.80 4.87 1.73
N LYS C 71 9.64 5.56 0.60
CA LYS C 71 10.58 5.44 -0.52
C LYS C 71 12.02 5.72 -0.07
N TYR C 72 12.23 6.84 0.62
CA TYR C 72 13.56 7.20 1.11
C TYR C 72 14.09 6.18 2.11
N CYS C 73 13.21 5.66 2.99
CA CYS C 73 13.67 4.65 3.94
C CYS C 73 14.14 3.40 3.21
N ALA C 74 13.38 2.94 2.21
CA ALA C 74 13.74 1.72 1.51
C ALA C 74 15.01 1.89 0.70
N SER C 75 15.18 3.04 0.05
CA SER C 75 16.39 3.27 -0.74
C SER C 75 17.56 3.79 0.08
N GLY C 76 17.34 4.27 1.30
CA GLY C 76 18.44 4.85 2.05
C GLY C 76 18.96 6.17 1.48
N LYS C 77 18.17 6.83 0.63
CA LYS C 77 18.62 8.04 -0.06
C LYS C 77 18.92 9.18 0.91
N HIS C 78 19.97 9.93 0.61
CA HIS C 78 20.44 11.03 1.44
C HIS C 78 19.48 12.20 1.41
N ILE C 79 19.25 12.80 2.57
CA ILE C 79 18.44 14.01 2.71
C ILE C 79 19.38 15.13 3.17
N PRO C 80 19.54 16.21 2.39
CA PRO C 80 20.49 17.26 2.81
C PRO C 80 20.11 17.93 4.11
N GLN C 81 18.87 18.42 4.24
CA GLN C 81 18.50 19.10 5.48
C GLN C 81 17.01 18.91 5.77
N ALA C 82 16.66 19.19 7.02
CA ALA C 82 15.29 19.12 7.51
C ALA C 82 15.11 20.21 8.54
N ILE C 83 13.98 20.89 8.52
CA ILE C 83 13.77 22.04 9.38
C ILE C 83 12.51 21.79 10.17
N LEU C 84 12.62 21.85 11.50
CA LEU C 84 11.53 21.61 12.42
C LEU C 84 11.22 22.92 13.14
N VAL C 85 9.98 23.39 13.06
CA VAL C 85 9.59 24.67 13.64
C VAL C 85 8.38 24.46 14.56
N MET C 86 8.38 25.18 15.68
CA MET C 86 7.26 25.11 16.61
C MET C 86 6.81 26.51 16.96
N ARG C 87 5.49 26.70 17.04
CA ARG C 87 4.93 27.97 17.46
C ARG C 87 3.67 27.71 18.28
N LYS C 88 3.34 28.66 19.13
CA LYS C 88 2.08 28.60 19.86
C LYS C 88 0.95 29.05 18.94
N ALA C 89 -0.09 28.23 18.84
CA ALA C 89 -1.25 28.65 18.05
C ALA C 89 -1.95 29.82 18.70
N GLY C 90 -2.47 30.72 17.87
CA GLY C 90 -3.25 31.82 18.39
C GLY C 90 -2.97 33.15 17.73
N GLY C 91 -3.19 34.24 18.46
CA GLY C 91 -2.97 35.56 17.91
C GLY C 91 -1.51 35.89 17.67
N ASN C 92 -0.59 35.21 18.35
CA ASN C 92 0.84 35.49 18.25
C ASN C 92 1.57 34.21 17.87
N PRO C 93 1.62 33.89 16.58
CA PRO C 93 2.30 32.67 16.19
C PRO C 93 3.76 32.92 15.85
N LEU C 94 4.44 33.74 16.65
CA LEU C 94 5.89 33.81 16.55
C LEU C 94 6.46 32.41 16.60
N GLU C 95 7.30 32.09 15.62
CA GLU C 95 7.93 30.77 15.58
C GLU C 95 9.14 30.84 16.49
N TYR C 96 8.93 30.52 17.77
CA TYR C 96 9.97 30.73 18.78
C TYR C 96 11.04 29.65 18.78
N LEU C 97 10.84 28.54 18.07
CA LEU C 97 11.75 27.39 18.21
C LEU C 97 11.99 26.76 16.86
N LYS C 98 13.26 26.51 16.54
CA LYS C 98 13.60 25.97 15.23
C LYS C 98 14.85 25.10 15.35
N TYR C 99 14.77 23.88 14.83
CA TYR C 99 15.93 23.01 14.67
C TYR C 99 16.18 22.84 13.18
N THR C 100 17.42 23.02 12.77
CA THR C 100 17.89 22.74 11.42
C THR C 100 18.81 21.52 11.51
N PHE C 101 18.36 20.41 10.94
CA PHE C 101 19.11 19.16 10.89
C PHE C 101 19.75 19.00 9.51
N THR C 102 20.94 18.42 9.45
CA THR C 102 21.53 18.14 8.14
C THR C 102 22.10 16.72 8.09
N ASP C 103 22.23 16.20 6.86
CA ASP C 103 22.80 14.88 6.59
C ASP C 103 21.95 13.78 7.24
N LEU C 104 20.76 13.60 6.66
CA LEU C 104 19.72 12.75 7.24
C LEU C 104 19.46 11.51 6.38
N ILE C 105 19.01 10.45 7.06
CA ILE C 105 18.51 9.24 6.44
C ILE C 105 17.24 8.86 7.17
N VAL C 106 16.20 8.46 6.43
CA VAL C 106 14.97 7.97 7.05
C VAL C 106 15.26 6.57 7.57
N ALA C 107 15.33 6.43 8.90
CA ALA C 107 15.69 5.16 9.52
C ALA C 107 14.50 4.27 9.74
N VAL C 108 13.34 4.85 10.10
CA VAL C 108 12.16 4.05 10.42
C VAL C 108 10.92 4.74 9.87
N VAL C 109 10.01 3.97 9.26
CA VAL C 109 8.66 4.44 8.97
C VAL C 109 7.67 3.39 9.49
N SER C 110 6.71 3.84 10.31
CA SER C 110 5.90 2.96 11.15
C SER C 110 4.45 3.43 11.13
N PRO C 111 3.71 3.09 10.07
CA PRO C 111 2.30 3.46 9.99
C PRO C 111 1.37 2.53 10.76
N SER C 112 0.24 3.08 11.16
CA SER C 112 -0.81 2.33 11.85
C SER C 112 -2.14 3.02 11.60
N GLY C 113 -3.22 2.31 11.90
CA GLY C 113 -4.55 2.85 11.70
C GLY C 113 -5.52 2.20 12.66
N SER C 114 -6.61 2.91 12.91
CA SER C 114 -7.69 2.42 13.75
C SER C 114 -9.00 2.95 13.22
N HIS C 115 -10.06 2.14 13.41
CA HIS C 115 -11.42 2.61 13.18
C HIS C 115 -11.77 3.83 14.02
N ASP C 116 -11.10 3.99 15.15
CA ASP C 116 -11.45 5.03 16.11
C ASP C 116 -10.89 6.38 15.67
N GLY C 117 -11.69 7.43 15.85
CA GLY C 117 -11.37 8.71 15.23
C GLY C 117 -10.20 9.46 15.86
N GLU C 118 -9.92 9.23 17.15
CA GLU C 118 -8.77 9.89 17.76
C GLU C 118 -7.47 9.32 17.24
N ILE C 119 -7.38 7.99 17.16
CA ILE C 119 -6.19 7.35 16.62
C ILE C 119 -6.05 7.65 15.13
N ALA C 120 -7.09 7.37 14.35
CA ALA C 120 -7.11 7.65 12.90
C ALA C 120 -5.96 6.89 12.24
N SER C 121 -5.33 7.46 11.21
CA SER C 121 -4.24 6.84 10.49
C SER C 121 -2.98 7.66 10.75
N ARG C 122 -2.08 7.09 11.55
CA ARG C 122 -0.89 7.73 12.10
C ARG C 122 0.39 7.03 11.64
N GLU C 123 1.52 7.71 11.85
CA GLU C 123 2.80 7.21 11.36
C GLU C 123 3.93 7.80 12.18
N THR C 124 4.68 6.93 12.85
CA THR C 124 5.91 7.33 13.54
C THR C 124 7.08 7.16 12.58
N VAL C 125 7.99 8.15 12.58
CA VAL C 125 9.12 8.23 11.67
C VAL C 125 10.38 8.53 12.48
N GLU C 126 11.48 7.87 12.12
CA GLU C 126 12.79 8.19 12.66
C GLU C 126 13.69 8.63 11.52
N LEU C 127 14.32 9.80 11.70
CA LEU C 127 15.32 10.38 10.81
C LEU C 127 16.63 10.47 11.55
N SER C 128 17.67 9.84 11.03
CA SER C 128 18.97 10.04 11.64
C SER C 128 19.58 11.34 11.09
N PHE C 129 20.48 11.94 11.88
CA PHE C 129 21.13 13.17 11.44
C PHE C 129 22.50 13.27 12.09
N SER C 130 23.41 13.99 11.43
CA SER C 130 24.75 14.18 11.98
C SER C 130 25.05 15.61 12.42
N THR C 131 24.21 16.60 12.09
CA THR C 131 24.38 17.93 12.64
C THR C 131 23.01 18.50 12.97
N VAL C 132 22.98 19.33 14.00
CA VAL C 132 21.74 19.99 14.41
C VAL C 132 22.08 21.39 14.90
N LYS C 133 21.21 22.35 14.58
CA LYS C 133 21.39 23.72 15.04
C LYS C 133 20.05 24.29 15.46
N GLN C 134 20.00 24.80 16.67
CA GLN C 134 18.76 25.21 17.29
C GLN C 134 18.75 26.74 17.45
N GLU C 135 17.61 27.34 17.18
CA GLU C 135 17.39 28.76 17.34
C GLU C 135 16.14 28.96 18.20
N TYR C 136 16.27 29.76 19.23
CA TYR C 136 15.19 30.12 20.14
C TYR C 136 15.02 31.61 20.10
N VAL C 137 13.79 32.09 19.99
CA VAL C 137 13.52 33.51 19.95
C VAL C 137 12.85 33.90 21.25
N VAL C 138 13.51 34.73 22.04
CA VAL C 138 12.89 35.27 23.24
C VAL C 138 11.97 36.43 22.85
N GLN C 139 10.89 36.58 23.59
CA GLN C 139 9.88 37.59 23.27
C GLN C 139 9.83 38.69 24.32
N GLY C 146 12.41 39.44 20.39
CA GLY C 146 13.32 40.18 21.25
C GLY C 146 14.75 39.64 21.32
N GLY C 147 15.20 39.00 20.26
CA GLY C 147 16.56 38.43 20.17
C GLY C 147 16.50 36.91 20.09
N THR C 148 17.40 36.36 19.30
CA THR C 148 17.46 34.94 19.09
C THR C 148 18.77 34.32 19.55
N ILE C 149 18.67 33.21 20.26
CA ILE C 149 19.79 32.48 20.77
C ILE C 149 19.94 31.26 19.90
N THR C 150 21.15 30.99 19.44
CA THR C 150 21.37 29.88 18.53
C THR C 150 22.56 29.07 19.00
N ALA C 151 22.55 27.78 18.70
CA ALA C 151 23.68 26.92 19.02
C ALA C 151 23.56 25.68 18.15
N GLY C 152 24.67 25.32 17.49
CA GLY C 152 24.66 24.16 16.62
C GLY C 152 25.91 23.33 16.81
N TYR C 153 25.81 22.07 16.38
CA TYR C 153 26.94 21.16 16.49
C TYR C 153 26.90 20.15 15.35
N ASP C 154 28.10 19.88 14.82
CA ASP C 154 28.37 18.90 13.79
C ASP C 154 29.10 17.74 14.44
N PHE C 155 28.39 16.61 14.61
CA PHE C 155 28.95 15.47 15.31
C PHE C 155 29.90 14.65 14.44
N LYS C 156 29.82 14.76 13.11
CA LYS C 156 30.82 14.10 12.29
C LYS C 156 32.15 14.84 12.36
N ALA C 157 32.14 16.15 12.09
CA ALA C 157 33.36 16.94 12.22
C ALA C 157 33.73 17.20 13.66
N ASN C 158 32.81 16.97 14.60
CA ASN C 158 33.05 17.20 16.02
C ASN C 158 33.40 18.67 16.26
N LYS C 159 32.55 19.56 15.78
CA LYS C 159 32.81 20.97 16.01
C LYS C 159 31.51 21.75 16.06
N GLU C 160 31.58 22.91 16.70
CA GLU C 160 30.43 23.79 16.77
C GLU C 160 30.11 24.38 15.41
N ILE C 161 28.81 24.59 15.16
CA ILE C 161 28.37 25.31 13.97
C ILE C 161 27.28 26.30 14.36
#